data_5O0N
#
_entry.id   5O0N
#
_cell.length_a   90.630
_cell.length_b   90.630
_cell.length_c   45.620
_cell.angle_alpha   90.00
_cell.angle_beta   90.00
_cell.angle_gamma   90.00
#
_symmetry.space_group_name_H-M   'P 41'
#
loop_
_entity.id
_entity.type
_entity.pdbx_description
1 polymer 'Reticulon-4 receptor'
2 branched alpha-D-mannopyranose-(1-3)-beta-D-mannopyranose-(1-4)-2-acetamido-2-deoxy-beta-D-glucopyranose-(1-4)-2-acetamido-2-deoxy-beta-D-glucopyranose
3 branched alpha-D-mannopyranose-(1-3)-[alpha-D-mannopyranose-(1-6)]alpha-D-mannopyranose-(1-6)-beta-D-mannopyranose-(1-4)-2-acetamido-2-deoxy-beta-D-glucopyranose-(1-4)-2-acetamido-2-deoxy-beta-D-glucopyranose
4 branched 2-acetamido-2-deoxy-beta-D-glucopyranose-(1-4)-2-acetamido-2-deoxy-beta-D-glucopyranose
5 non-polymer 'CHLORIDE ION'
6 water water
#
_entity_poly.entity_id   1
_entity_poly.type   'polypeptide(L)'
_entity_poly.pdbx_seq_one_letter_code
;GSPCPGACVCYNEPKVTTSCPQQGLQAVPTGIPASSQRIFLHGNRISHVPAASFQSCRNLTILWLHSNALARIDAAAFTG
LTLLEQLDLSDNAQLHVVDPTTFHGLGHLHTLHLDRCGLRELGPGLFRGLAALQYLYLQDNNLQALPDNTFRDLGNLTHL
FLHGNRIPSVPEHAFRGLHSLDRLLLHQNHVARVHPHAFRDLGRLMTLYLFANNLSMLPAEVLMPLRSLQYLRLNDNPWV
CDCRARPLWAWLQKFRGSSSEVPCNLPQRLADRDLKRLAASDLEGCAVASGPFRPIQTSQLTDEELLSLPKCCQAAAHHH
HHH
;
_entity_poly.pdbx_strand_id   A
#
loop_
_chem_comp.id
_chem_comp.type
_chem_comp.name
_chem_comp.formula
BMA D-saccharide, beta linking beta-D-mannopyranose 'C6 H12 O6'
CL non-polymer 'CHLORIDE ION' 'Cl -1'
MAN D-saccharide, alpha linking alpha-D-mannopyranose 'C6 H12 O6'
NAG D-saccharide, beta linking 2-acetamido-2-deoxy-beta-D-glucopyranose 'C8 H15 N O6'
#
# COMPACT_ATOMS: atom_id res chain seq x y z
N SER A 2 -25.80 13.89 28.77
CA SER A 2 -26.74 13.20 27.91
C SER A 2 -26.71 11.69 28.14
N PRO A 3 -27.88 11.09 28.38
CA PRO A 3 -27.99 9.64 28.58
C PRO A 3 -27.62 8.84 27.33
N CYS A 4 -27.52 7.53 27.48
CA CYS A 4 -27.13 6.66 26.36
C CYS A 4 -28.30 6.43 25.40
N PRO A 5 -28.05 6.58 24.09
CA PRO A 5 -29.08 6.38 23.06
C PRO A 5 -29.56 4.93 23.00
N GLY A 6 -30.73 4.73 22.40
CA GLY A 6 -31.31 3.40 22.27
C GLY A 6 -30.44 2.48 21.42
N ALA A 7 -30.57 1.18 21.67
CA ALA A 7 -29.79 0.15 20.98
C ALA A 7 -28.29 0.38 21.11
N CYS A 8 -27.88 0.97 22.23
CA CYS A 8 -26.48 1.24 22.49
C CYS A 8 -26.11 0.93 23.94
N VAL A 9 -24.82 0.72 24.18
CA VAL A 9 -24.32 0.49 25.53
C VAL A 9 -23.19 1.47 25.83
N CYS A 10 -23.38 2.28 26.88
CA CYS A 10 -22.40 3.31 27.22
C CYS A 10 -21.75 3.04 28.58
N TYR A 11 -20.43 3.13 28.61
CA TYR A 11 -19.67 2.93 29.85
C TYR A 11 -18.41 3.80 29.83
N ASN A 12 -17.73 3.89 30.96
CA ASN A 12 -16.62 4.82 31.11
C ASN A 12 -15.23 4.16 31.20
N GLU A 13 -15.21 2.86 31.50
CA GLU A 13 -13.95 2.16 31.68
C GLU A 13 -13.65 1.23 30.50
N PRO A 14 -12.43 1.29 29.96
CA PRO A 14 -11.31 2.17 30.38
C PRO A 14 -11.46 3.59 29.87
N LYS A 15 -12.12 3.76 28.73
CA LYS A 15 -12.41 5.08 28.18
C LYS A 15 -13.90 5.22 27.95
N VAL A 16 -14.39 6.45 27.93
CA VAL A 16 -15.81 6.72 27.69
C VAL A 16 -16.21 6.16 26.33
N THR A 17 -16.95 5.06 26.35
CA THR A 17 -17.25 4.32 25.14
C THR A 17 -18.74 4.26 24.81
N THR A 18 -19.06 4.59 23.57
CA THR A 18 -20.42 4.43 23.06
C THR A 18 -20.43 3.28 22.05
N SER A 19 -20.96 2.14 22.46
CA SER A 19 -20.88 0.94 21.64
C SER A 19 -22.23 0.54 21.05
N CYS A 20 -22.34 0.65 19.73
CA CYS A 20 -23.56 0.23 19.03
C CYS A 20 -23.26 -0.64 17.81
N PRO A 21 -22.65 -1.82 18.03
CA PRO A 21 -22.31 -2.67 16.89
C PRO A 21 -23.34 -3.75 16.61
N GLN A 22 -23.27 -4.35 15.42
CA GLN A 22 -24.11 -5.47 15.04
C GLN A 22 -25.61 -5.18 15.20
N GLN A 23 -26.01 -3.96 14.86
CA GLN A 23 -27.41 -3.56 14.94
C GLN A 23 -27.99 -3.39 13.55
N GLY A 24 -29.27 -3.06 13.48
CA GLY A 24 -29.93 -2.80 12.21
C GLY A 24 -29.88 -1.34 11.83
N LEU A 25 -28.94 -0.62 12.42
CA LEU A 25 -28.79 0.81 12.16
C LEU A 25 -28.34 1.08 10.73
N GLN A 26 -29.19 1.76 9.97
CA GLN A 26 -28.86 2.14 8.61
C GLN A 26 -28.21 3.52 8.56
N ALA A 27 -28.03 4.12 9.73
CA ALA A 27 -27.39 5.42 9.86
C ALA A 27 -26.83 5.62 11.27
N VAL A 28 -26.08 6.69 11.46
CA VAL A 28 -25.51 7.01 12.76
C VAL A 28 -26.61 7.42 13.75
N PRO A 29 -26.70 6.69 14.88
CA PRO A 29 -27.73 6.95 15.91
C PRO A 29 -27.60 8.32 16.55
N THR A 30 -28.72 9.00 16.72
CA THR A 30 -28.74 10.32 17.33
C THR A 30 -28.75 10.23 18.85
N GLY A 31 -27.97 11.10 19.49
CA GLY A 31 -27.94 11.16 20.94
C GLY A 31 -26.65 10.61 21.54
N ILE A 32 -25.65 10.41 20.70
CA ILE A 32 -24.35 9.93 21.17
C ILE A 32 -23.70 10.97 22.07
N PRO A 33 -23.37 10.58 23.31
CA PRO A 33 -22.74 11.47 24.29
C PRO A 33 -21.48 12.13 23.75
N ALA A 34 -21.33 13.43 23.99
CA ALA A 34 -20.19 14.17 23.50
C ALA A 34 -18.90 13.79 24.22
N SER A 35 -19.05 13.11 25.36
CA SER A 35 -17.92 12.69 26.16
C SER A 35 -17.24 11.43 25.60
N SER A 36 -17.85 10.85 24.57
CA SER A 36 -17.37 9.59 24.00
C SER A 36 -15.93 9.69 23.48
N GLN A 37 -15.09 8.76 23.92
CA GLN A 37 -13.71 8.67 23.46
C GLN A 37 -13.55 7.52 22.47
N ARG A 38 -14.46 6.55 22.56
CA ARG A 38 -14.47 5.41 21.66
C ARG A 38 -15.88 5.13 21.15
N ILE A 39 -16.03 5.14 19.82
CA ILE A 39 -17.32 4.91 19.20
C ILE A 39 -17.29 3.67 18.31
N PHE A 40 -18.14 2.70 18.61
CA PHE A 40 -18.19 1.45 17.86
C PHE A 40 -19.50 1.33 17.09
N LEU A 41 -19.44 1.57 15.78
CA LEU A 41 -20.62 1.48 14.93
C LEU A 41 -20.41 0.49 13.79
N HIS A 42 -19.56 -0.52 14.02
CA HIS A 42 -19.28 -1.53 13.01
C HIS A 42 -20.36 -2.61 12.98
N GLY A 43 -20.46 -3.31 11.86
CA GLY A 43 -21.41 -4.39 11.71
C GLY A 43 -22.84 -3.93 11.49
N ASN A 44 -23.02 -2.66 11.11
CA ASN A 44 -24.34 -2.13 10.84
C ASN A 44 -24.55 -1.92 9.34
N ARG A 45 -25.56 -1.12 8.98
CA ARG A 45 -25.88 -0.87 7.58
C ARG A 45 -25.83 0.62 7.25
N ILE A 46 -24.94 1.34 7.93
CA ILE A 46 -24.82 2.79 7.74
C ILE A 46 -24.35 3.12 6.32
N SER A 47 -25.17 3.88 5.60
CA SER A 47 -24.88 4.23 4.21
C SER A 47 -24.10 5.53 4.08
N HIS A 48 -24.54 6.56 4.80
CA HIS A 48 -23.91 7.87 4.70
C HIS A 48 -23.39 8.35 6.05
N VAL A 49 -22.34 9.17 6.02
CA VAL A 49 -21.81 9.80 7.22
C VAL A 49 -21.79 11.32 7.03
N PRO A 50 -22.87 12.00 7.44
CA PRO A 50 -23.00 13.45 7.32
C PRO A 50 -21.93 14.20 8.11
N ALA A 51 -21.77 15.49 7.84
CA ALA A 51 -20.74 16.29 8.49
C ALA A 51 -21.11 16.62 9.93
N ALA A 52 -22.41 16.65 10.22
CA ALA A 52 -22.90 17.04 11.54
C ALA A 52 -22.54 16.01 12.61
N SER A 53 -22.53 14.74 12.23
CA SER A 53 -22.24 13.65 13.15
C SER A 53 -20.82 13.73 13.69
N PHE A 54 -20.64 13.22 14.92
CA PHE A 54 -19.35 13.10 15.58
C PHE A 54 -18.70 14.42 16.00
N GLN A 55 -19.27 15.54 15.59
CA GLN A 55 -18.68 16.85 15.90
C GLN A 55 -18.69 17.12 17.40
N SER A 56 -19.73 16.65 18.08
CA SER A 56 -19.88 16.86 19.51
C SER A 56 -18.78 16.15 20.30
N CYS A 57 -18.38 14.97 19.82
CA CYS A 57 -17.36 14.17 20.47
C CYS A 57 -15.97 14.75 20.26
N ARG A 58 -15.67 15.84 20.95
CA ARG A 58 -14.38 16.51 20.86
C ARG A 58 -13.24 15.59 21.28
N ASN A 59 -13.54 14.67 22.18
CA ASN A 59 -12.52 13.83 22.79
C ASN A 59 -12.37 12.48 22.11
N LEU A 60 -13.01 12.33 20.95
CA LEU A 60 -13.01 11.07 20.22
C LEU A 60 -11.61 10.67 19.78
N THR A 61 -11.18 9.49 20.23
CA THR A 61 -9.84 8.98 19.90
C THR A 61 -9.92 7.80 18.94
N ILE A 62 -10.92 6.94 19.14
CA ILE A 62 -11.08 5.76 18.30
C ILE A 62 -12.47 5.70 17.68
N LEU A 63 -12.51 5.53 16.36
CA LEU A 63 -13.77 5.45 15.64
C LEU A 63 -13.78 4.25 14.69
N TRP A 64 -14.73 3.34 14.91
CA TRP A 64 -14.87 2.17 14.06
C TRP A 64 -16.15 2.23 13.23
N LEU A 65 -15.99 2.25 11.92
CA LEU A 65 -17.13 2.28 11.01
C LEU A 65 -16.98 1.22 9.92
N HIS A 66 -16.17 0.21 10.22
CA HIS A 66 -15.89 -0.85 9.25
C HIS A 66 -17.06 -1.82 9.14
N SER A 67 -17.09 -2.57 8.05
CA SER A 67 -18.13 -3.55 7.77
C SER A 67 -19.53 -2.93 7.80
N ASN A 68 -19.69 -1.80 7.12
CA ASN A 68 -20.98 -1.17 6.96
C ASN A 68 -21.41 -1.14 5.49
N ALA A 69 -22.27 -0.19 5.14
CA ALA A 69 -22.68 0.01 3.76
C ALA A 69 -22.29 1.41 3.30
N LEU A 70 -21.10 1.85 3.72
CA LEU A 70 -20.62 3.20 3.42
C LEU A 70 -20.41 3.41 1.93
N ALA A 71 -20.92 4.53 1.42
CA ALA A 71 -20.77 4.86 0.01
C ALA A 71 -20.31 6.31 -0.16
N ARG A 72 -20.70 7.15 0.80
CA ARG A 72 -20.38 8.57 0.74
C ARG A 72 -20.08 9.14 2.12
N ILE A 73 -18.86 9.62 2.30
CA ILE A 73 -18.45 10.26 3.54
C ILE A 73 -18.22 11.75 3.33
N ASP A 74 -18.98 12.57 4.03
CA ASP A 74 -18.87 14.01 3.90
C ASP A 74 -17.46 14.48 4.27
N ALA A 75 -16.97 15.52 3.58
CA ALA A 75 -15.60 15.98 3.74
C ALA A 75 -15.34 16.57 5.13
N ALA A 76 -16.39 17.09 5.76
CA ALA A 76 -16.26 17.72 7.06
C ALA A 76 -16.79 16.83 8.19
N ALA A 77 -16.89 15.53 7.91
CA ALA A 77 -17.41 14.57 8.88
C ALA A 77 -16.50 14.46 10.10
N PHE A 78 -15.19 14.56 9.88
CA PHE A 78 -14.22 14.37 10.95
C PHE A 78 -13.62 15.69 11.43
N THR A 79 -14.25 16.80 11.05
CA THR A 79 -13.79 18.12 11.47
C THR A 79 -14.06 18.33 12.95
N GLY A 80 -13.01 18.68 13.69
CA GLY A 80 -13.12 18.89 15.12
C GLY A 80 -12.57 17.74 15.93
N LEU A 81 -12.33 16.61 15.26
CA LEU A 81 -11.80 15.43 15.92
C LEU A 81 -10.27 15.43 15.92
N THR A 82 -9.69 16.50 16.48
CA THR A 82 -8.24 16.68 16.49
C THR A 82 -7.52 15.59 17.30
N LEU A 83 -8.24 14.92 18.18
CA LEU A 83 -7.64 13.91 19.05
C LEU A 83 -7.83 12.49 18.51
N LEU A 84 -8.39 12.37 17.32
CA LEU A 84 -8.65 11.06 16.72
C LEU A 84 -7.35 10.30 16.47
N GLU A 85 -7.29 9.07 16.97
CA GLU A 85 -6.08 8.26 16.87
C GLU A 85 -6.26 7.06 15.96
N GLN A 86 -7.39 6.37 16.10
CA GLN A 86 -7.68 5.22 15.28
C GLN A 86 -8.97 5.41 14.47
N LEU A 87 -8.88 5.18 13.17
CA LEU A 87 -10.05 5.30 12.30
C LEU A 87 -10.16 4.09 11.38
N ASP A 88 -11.16 3.24 11.64
CA ASP A 88 -11.36 2.04 10.86
C ASP A 88 -12.57 2.21 9.94
N LEU A 89 -12.32 2.27 8.64
CA LEU A 89 -13.38 2.42 7.66
C LEU A 89 -13.35 1.28 6.64
N SER A 90 -12.70 0.18 7.04
CA SER A 90 -12.49 -0.96 6.15
C SER A 90 -13.77 -1.71 5.83
N ASP A 91 -13.66 -2.66 4.90
CA ASP A 91 -14.78 -3.52 4.50
C ASP A 91 -16.02 -2.72 4.10
N ASN A 92 -15.81 -1.68 3.31
CA ASN A 92 -16.91 -0.92 2.73
C ASN A 92 -16.75 -0.80 1.23
N ALA A 93 -17.04 -1.89 0.53
CA ALA A 93 -16.80 -2.00 -0.91
C ALA A 93 -17.55 -0.94 -1.73
N GLN A 94 -18.58 -0.36 -1.13
CA GLN A 94 -19.37 0.66 -1.81
C GLN A 94 -18.65 2.02 -1.78
N LEU A 95 -17.76 2.19 -0.81
CA LEU A 95 -16.98 3.41 -0.69
C LEU A 95 -15.85 3.41 -1.71
N HIS A 96 -16.15 3.83 -2.93
CA HIS A 96 -15.19 3.76 -4.03
C HIS A 96 -14.24 4.95 -4.07
N VAL A 97 -14.65 6.08 -3.50
CA VAL A 97 -13.81 7.28 -3.53
C VAL A 97 -13.91 8.07 -2.23
N VAL A 98 -12.78 8.60 -1.77
CA VAL A 98 -12.72 9.42 -0.58
C VAL A 98 -12.22 10.82 -0.91
N ASP A 99 -13.00 11.83 -0.54
CA ASP A 99 -12.64 13.22 -0.80
C ASP A 99 -11.31 13.56 -0.13
N PRO A 100 -10.39 14.16 -0.89
CA PRO A 100 -9.00 14.43 -0.47
C PRO A 100 -8.86 15.26 0.81
N THR A 101 -9.93 15.91 1.25
CA THR A 101 -9.86 16.76 2.44
C THR A 101 -10.53 16.12 3.65
N THR A 102 -10.83 14.83 3.55
CA THR A 102 -11.53 14.14 4.62
C THR A 102 -10.66 13.97 5.87
N PHE A 103 -9.35 13.81 5.67
CA PHE A 103 -8.46 13.50 6.77
C PHE A 103 -7.60 14.68 7.22
N HIS A 104 -7.94 15.87 6.75
CA HIS A 104 -7.23 17.08 7.16
C HIS A 104 -7.50 17.44 8.62
N GLY A 105 -6.44 17.65 9.38
CA GLY A 105 -6.56 18.07 10.77
C GLY A 105 -6.40 16.94 11.76
N LEU A 106 -6.30 15.71 11.26
CA LEU A 106 -6.15 14.54 12.12
C LEU A 106 -4.67 14.27 12.41
N GLY A 107 -4.05 15.17 13.17
CA GLY A 107 -2.63 15.09 13.46
C GLY A 107 -2.27 14.13 14.58
N HIS A 108 -3.27 13.41 15.09
CA HIS A 108 -3.03 12.41 16.13
C HIS A 108 -3.33 11.01 15.62
N LEU A 109 -3.87 10.94 14.40
CA LEU A 109 -4.21 9.67 13.77
C LEU A 109 -2.97 8.85 13.50
N HIS A 110 -2.93 7.63 14.05
CA HIS A 110 -1.76 6.77 13.87
C HIS A 110 -2.11 5.46 13.17
N THR A 111 -3.40 5.14 13.11
CA THR A 111 -3.86 3.98 12.34
C THR A 111 -5.06 4.33 11.47
N LEU A 112 -4.99 3.97 10.19
CA LEU A 112 -6.06 4.25 9.25
C LEU A 112 -6.38 3.02 8.41
N HIS A 113 -7.62 2.56 8.48
CA HIS A 113 -8.06 1.40 7.71
C HIS A 113 -8.91 1.81 6.51
N LEU A 114 -8.37 1.58 5.32
CA LEU A 114 -9.11 1.85 4.09
C LEU A 114 -9.10 0.64 3.18
N ASP A 115 -8.93 -0.54 3.77
CA ASP A 115 -8.86 -1.78 3.02
C ASP A 115 -10.24 -2.33 2.69
N ARG A 116 -10.34 -3.04 1.57
CA ARG A 116 -11.58 -3.66 1.12
C ARG A 116 -12.70 -2.62 0.98
N CYS A 117 -12.36 -1.50 0.36
CA CYS A 117 -13.32 -0.43 0.15
C CYS A 117 -13.60 -0.21 -1.34
N GLY A 118 -12.65 -0.61 -2.19
CA GLY A 118 -12.81 -0.45 -3.61
C GLY A 118 -12.36 0.91 -4.10
N LEU A 119 -11.37 1.48 -3.41
CA LEU A 119 -10.81 2.76 -3.79
C LEU A 119 -10.18 2.71 -5.17
N ARG A 120 -10.71 3.48 -6.11
CA ARG A 120 -10.16 3.52 -7.46
C ARG A 120 -8.85 4.29 -7.46
N GLU A 121 -8.85 5.45 -6.80
CA GLU A 121 -7.71 6.35 -6.81
C GLU A 121 -7.36 6.85 -5.41
N LEU A 122 -6.17 7.42 -5.29
CA LEU A 122 -5.78 8.13 -4.07
C LEU A 122 -5.66 9.62 -4.39
N GLY A 123 -6.70 10.37 -4.05
CA GLY A 123 -6.78 11.78 -4.40
C GLY A 123 -5.63 12.63 -3.91
N PRO A 124 -5.33 13.71 -4.64
CA PRO A 124 -4.26 14.65 -4.30
C PRO A 124 -4.42 15.26 -2.91
N GLY A 125 -3.47 14.97 -2.02
CA GLY A 125 -3.49 15.52 -0.68
C GLY A 125 -4.33 14.72 0.30
N LEU A 126 -4.68 13.49 -0.09
CA LEU A 126 -5.50 12.62 0.73
C LEU A 126 -4.85 12.31 2.07
N PHE A 127 -3.52 12.23 2.07
CA PHE A 127 -2.77 11.92 3.28
C PHE A 127 -1.86 13.08 3.70
N ARG A 128 -2.26 14.29 3.34
CA ARG A 128 -1.51 15.48 3.71
C ARG A 128 -1.66 15.79 5.19
N GLY A 129 -0.54 16.00 5.87
CA GLY A 129 -0.55 16.44 7.25
C GLY A 129 -0.76 15.35 8.29
N LEU A 130 -0.79 14.10 7.85
CA LEU A 130 -0.95 12.98 8.78
C LEU A 130 0.41 12.50 9.28
N ALA A 131 1.17 13.43 9.86
CA ALA A 131 2.56 13.18 10.25
C ALA A 131 2.69 12.21 11.42
N ALA A 132 1.57 11.79 11.99
CA ALA A 132 1.60 10.88 13.13
C ALA A 132 1.15 9.46 12.74
N LEU A 133 0.77 9.29 11.48
CA LEU A 133 0.27 8.00 11.02
C LEU A 133 1.37 6.95 11.02
N GLN A 134 1.09 5.79 11.60
CA GLN A 134 2.06 4.71 11.68
C GLN A 134 1.59 3.48 10.90
N TYR A 135 0.29 3.27 10.87
CA TYR A 135 -0.28 2.13 10.16
C TYR A 135 -1.33 2.57 9.13
N LEU A 136 -1.05 2.31 7.87
CA LEU A 136 -1.95 2.68 6.79
C LEU A 136 -2.35 1.47 5.96
N TYR A 137 -3.62 1.07 6.07
CA TYR A 137 -4.10 -0.11 5.38
C TYR A 137 -4.91 0.26 4.13
N LEU A 138 -4.32 0.03 2.97
CA LEU A 138 -4.96 0.34 1.69
C LEU A 138 -5.04 -0.90 0.81
N GLN A 139 -4.97 -2.07 1.41
CA GLN A 139 -4.94 -3.31 0.65
C GLN A 139 -6.33 -3.72 0.16
N ASP A 140 -6.35 -4.58 -0.86
CA ASP A 140 -7.59 -5.12 -1.41
C ASP A 140 -8.58 -4.04 -1.86
N ASN A 141 -8.06 -3.03 -2.55
CA ASN A 141 -8.93 -2.01 -3.16
C ASN A 141 -8.90 -2.14 -4.67
N ASN A 142 -9.29 -1.06 -5.36
CA ASN A 142 -9.27 -1.03 -6.82
C ASN A 142 -8.24 -0.02 -7.31
N LEU A 143 -7.22 0.23 -6.50
CA LEU A 143 -6.18 1.19 -6.81
C LEU A 143 -5.38 0.76 -8.04
N GLN A 144 -5.36 1.61 -9.06
CA GLN A 144 -4.64 1.30 -10.29
C GLN A 144 -3.64 2.39 -10.64
N ALA A 145 -3.18 3.10 -9.62
CA ALA A 145 -2.18 4.15 -9.78
C ALA A 145 -1.55 4.53 -8.45
N LEU A 146 -0.25 4.80 -8.45
CA LEU A 146 0.46 5.19 -7.24
C LEU A 146 1.17 6.52 -7.46
N PRO A 147 0.45 7.64 -7.30
CA PRO A 147 0.92 8.99 -7.60
C PRO A 147 2.12 9.41 -6.75
N ASP A 148 2.93 10.31 -7.29
CA ASP A 148 4.10 10.81 -6.58
C ASP A 148 3.70 11.62 -5.35
N ASN A 149 4.50 11.52 -4.29
CA ASN A 149 4.30 12.28 -3.06
C ASN A 149 2.96 12.04 -2.39
N THR A 150 2.39 10.86 -2.60
CA THR A 150 1.13 10.48 -1.97
C THR A 150 1.29 10.37 -0.46
N PHE A 151 2.45 9.85 -0.04
CA PHE A 151 2.73 9.68 1.39
C PHE A 151 3.88 10.59 1.81
N ARG A 152 3.99 11.75 1.17
CA ARG A 152 5.11 12.67 1.39
C ARG A 152 5.23 13.13 2.84
N ASP A 153 4.10 13.24 3.52
CA ASP A 153 4.08 13.77 4.88
C ASP A 153 4.02 12.68 5.94
N LEU A 154 4.11 11.42 5.51
CA LEU A 154 3.99 10.30 6.45
C LEU A 154 5.35 9.82 6.94
N GLY A 155 6.03 10.66 7.71
CA GLY A 155 7.37 10.36 8.19
C GLY A 155 7.41 9.34 9.33
N ASN A 156 6.28 9.11 9.96
CA ASN A 156 6.20 8.14 11.06
C ASN A 156 5.65 6.80 10.62
N LEU A 157 5.25 6.71 9.36
CA LEU A 157 4.64 5.50 8.83
C LEU A 157 5.60 4.31 8.88
N THR A 158 5.15 3.22 9.49
CA THR A 158 5.97 2.02 9.62
C THR A 158 5.41 0.87 8.81
N HIS A 159 4.09 0.75 8.76
CA HIS A 159 3.43 -0.29 7.99
C HIS A 159 2.58 0.30 6.88
N LEU A 160 2.90 -0.06 5.64
CA LEU A 160 2.13 0.38 4.48
C LEU A 160 1.68 -0.82 3.66
N PHE A 161 0.38 -1.09 3.69
CA PHE A 161 -0.17 -2.23 2.97
C PHE A 161 -0.90 -1.79 1.71
N LEU A 162 -0.34 -2.14 0.55
CA LEU A 162 -0.94 -1.75 -0.72
C LEU A 162 -1.21 -2.96 -1.61
N HIS A 163 -1.08 -4.15 -1.04
CA HIS A 163 -1.24 -5.38 -1.81
C HIS A 163 -2.69 -5.62 -2.21
N GLY A 164 -2.87 -6.42 -3.26
CA GLY A 164 -4.20 -6.76 -3.74
C GLY A 164 -4.86 -5.65 -4.54
N ASN A 165 -4.05 -4.86 -5.24
CA ASN A 165 -4.58 -3.79 -6.09
C ASN A 165 -4.19 -3.96 -7.56
N ARG A 166 -4.61 -3.00 -8.39
CA ARG A 166 -4.27 -2.99 -9.80
C ARG A 166 -3.11 -2.04 -10.08
N ILE A 167 -2.21 -1.87 -9.11
CA ILE A 167 -1.10 -0.95 -9.27
C ILE A 167 -0.14 -1.42 -10.36
N PRO A 168 0.00 -0.62 -11.44
CA PRO A 168 0.76 -0.99 -12.64
C PRO A 168 2.26 -0.77 -12.53
N SER A 169 2.70 0.28 -11.84
CA SER A 169 4.12 0.59 -11.74
C SER A 169 4.44 1.42 -10.51
N VAL A 170 5.73 1.65 -10.28
CA VAL A 170 6.18 2.47 -9.17
C VAL A 170 7.01 3.66 -9.65
N PRO A 171 6.42 4.86 -9.64
CA PRO A 171 7.11 6.10 -10.01
C PRO A 171 8.28 6.42 -9.06
N GLU A 172 9.07 7.41 -9.43
CA GLU A 172 10.27 7.78 -8.68
C GLU A 172 9.95 8.28 -7.27
N HIS A 173 8.94 9.14 -7.16
CA HIS A 173 8.62 9.79 -5.91
C HIS A 173 7.35 9.27 -5.26
N ALA A 174 6.94 8.06 -5.62
CA ALA A 174 5.73 7.46 -5.09
C ALA A 174 5.85 7.18 -3.59
N PHE A 175 7.03 6.78 -3.15
CA PHE A 175 7.25 6.45 -1.74
C PHE A 175 8.17 7.46 -1.05
N ARG A 176 8.23 8.67 -1.58
CA ARG A 176 9.06 9.72 -1.00
C ARG A 176 8.52 10.17 0.35
N GLY A 177 9.42 10.33 1.32
CA GLY A 177 9.05 10.83 2.63
C GLY A 177 8.86 9.74 3.68
N LEU A 178 8.80 8.48 3.23
CA LEU A 178 8.61 7.36 4.13
C LEU A 178 9.93 6.92 4.76
N HIS A 179 10.46 7.76 5.63
CA HIS A 179 11.78 7.53 6.22
C HIS A 179 11.77 6.47 7.33
N SER A 180 10.60 6.24 7.92
CA SER A 180 10.49 5.30 9.02
C SER A 180 9.77 4.01 8.63
N LEU A 181 9.59 3.81 7.33
CA LEU A 181 8.86 2.65 6.84
C LEU A 181 9.58 1.34 7.18
N ASP A 182 8.85 0.43 7.81
CA ASP A 182 9.43 -0.84 8.23
C ASP A 182 9.02 -1.98 7.29
N ARG A 183 7.73 -2.10 7.05
CA ARG A 183 7.21 -3.11 6.12
C ARG A 183 6.46 -2.47 4.97
N LEU A 184 6.73 -2.93 3.76
CA LEU A 184 6.02 -2.47 2.58
C LEU A 184 5.50 -3.66 1.77
N LEU A 185 4.18 -3.81 1.75
CA LEU A 185 3.55 -4.93 1.05
C LEU A 185 2.93 -4.47 -0.26
N LEU A 186 3.50 -4.92 -1.36
CA LEU A 186 3.03 -4.54 -2.69
C LEU A 186 2.71 -5.75 -3.55
N HIS A 187 2.46 -6.90 -2.91
CA HIS A 187 2.25 -8.12 -3.65
C HIS A 187 0.87 -8.19 -4.29
N GLN A 188 0.71 -9.13 -5.23
CA GLN A 188 -0.53 -9.30 -5.98
C GLN A 188 -1.01 -8.01 -6.64
N ASN A 189 -0.09 -7.33 -7.33
CA ASN A 189 -0.43 -6.16 -8.13
C ASN A 189 -0.07 -6.38 -9.60
N HIS A 190 0.15 -5.29 -10.33
CA HIS A 190 0.53 -5.37 -11.73
C HIS A 190 1.89 -4.73 -11.98
N VAL A 191 2.66 -4.54 -10.91
CA VAL A 191 3.95 -3.86 -11.00
C VAL A 191 4.90 -4.53 -12.00
N ALA A 192 5.26 -3.78 -13.04
CA ALA A 192 6.15 -4.29 -14.08
C ALA A 192 7.35 -3.35 -14.26
N ARG A 193 7.24 -2.14 -13.72
CA ARG A 193 8.30 -1.15 -13.82
C ARG A 193 8.54 -0.44 -12.49
N VAL A 194 9.81 -0.36 -12.11
CA VAL A 194 10.19 0.36 -10.90
C VAL A 194 11.33 1.34 -11.18
N HIS A 195 11.14 2.60 -10.81
CA HIS A 195 12.16 3.63 -11.01
C HIS A 195 13.39 3.32 -10.17
N PRO A 196 14.59 3.56 -10.73
CA PRO A 196 15.86 3.33 -10.03
C PRO A 196 15.96 4.03 -8.68
N HIS A 197 15.44 5.25 -8.59
CA HIS A 197 15.50 6.01 -7.35
C HIS A 197 14.13 6.07 -6.67
N ALA A 198 13.45 4.94 -6.61
CA ALA A 198 12.11 4.89 -6.03
C ALA A 198 12.13 4.55 -4.55
N PHE A 199 13.16 3.83 -4.11
CA PHE A 199 13.30 3.46 -2.71
C PHE A 199 14.32 4.36 -2.04
N ARG A 200 14.40 5.60 -2.53
CA ARG A 200 15.43 6.55 -2.10
C ARG A 200 15.42 6.82 -0.59
N ASP A 201 14.23 6.82 0.01
CA ASP A 201 14.08 7.15 1.43
C ASP A 201 13.79 5.92 2.28
N LEU A 202 13.72 4.75 1.66
CA LEU A 202 13.36 3.53 2.37
C LEU A 202 14.59 2.81 2.93
N GLY A 203 15.46 3.56 3.60
CA GLY A 203 16.66 2.99 4.18
C GLY A 203 16.40 2.17 5.42
N ARG A 204 15.28 2.43 6.08
CA ARG A 204 14.94 1.71 7.31
C ARG A 204 13.96 0.58 7.04
N LEU A 205 13.73 0.28 5.77
CA LEU A 205 12.81 -0.79 5.38
C LEU A 205 13.44 -2.15 5.65
N MET A 206 12.71 -3.01 6.35
CA MET A 206 13.19 -4.35 6.66
C MET A 206 12.42 -5.41 5.86
N THR A 207 11.17 -5.13 5.55
CA THR A 207 10.33 -6.10 4.86
C THR A 207 9.77 -5.53 3.55
N LEU A 208 9.98 -6.24 2.45
CA LEU A 208 9.51 -5.83 1.14
C LEU A 208 8.87 -6.99 0.39
N TYR A 209 7.56 -6.91 0.19
CA TYR A 209 6.83 -7.94 -0.56
C TYR A 209 6.47 -7.43 -1.95
N LEU A 210 7.03 -8.06 -2.98
CA LEU A 210 6.75 -7.69 -4.36
C LEU A 210 6.36 -8.91 -5.19
N PHE A 211 5.93 -9.98 -4.53
CA PHE A 211 5.61 -11.20 -5.24
C PHE A 211 4.24 -11.12 -5.92
N ALA A 212 3.95 -12.09 -6.78
CA ALA A 212 2.71 -12.12 -7.56
C ALA A 212 2.50 -10.84 -8.35
N ASN A 213 3.54 -10.40 -9.05
CA ASN A 213 3.45 -9.21 -9.88
C ASN A 213 3.83 -9.47 -11.34
N ASN A 214 4.13 -8.39 -12.07
CA ASN A 214 4.38 -8.49 -13.50
C ASN A 214 5.81 -8.06 -13.86
N LEU A 215 6.72 -8.13 -12.89
CA LEU A 215 8.10 -7.70 -13.08
C LEU A 215 8.89 -8.68 -13.94
N SER A 216 9.63 -8.15 -14.90
CA SER A 216 10.48 -8.98 -15.76
C SER A 216 11.95 -8.76 -15.43
N MET A 217 12.29 -7.55 -14.99
CA MET A 217 13.64 -7.22 -14.59
C MET A 217 13.67 -6.18 -13.48
N LEU A 218 14.82 -6.02 -12.84
CA LEU A 218 14.99 -5.01 -11.81
C LEU A 218 16.31 -4.28 -12.02
N PRO A 219 16.26 -2.93 -12.07
CA PRO A 219 17.42 -2.08 -12.30
C PRO A 219 18.55 -2.29 -11.29
N ALA A 220 19.67 -1.60 -11.48
CA ALA A 220 20.81 -1.75 -10.60
C ALA A 220 20.67 -0.90 -9.35
N GLU A 221 20.10 0.29 -9.51
CA GLU A 221 20.03 1.27 -8.42
C GLU A 221 18.78 1.14 -7.56
N VAL A 222 17.89 0.21 -7.90
CA VAL A 222 16.61 0.10 -7.21
C VAL A 222 16.75 -0.45 -5.79
N LEU A 223 17.60 -1.46 -5.61
CA LEU A 223 17.72 -2.14 -4.32
C LEU A 223 18.90 -1.64 -3.50
N MET A 224 19.60 -0.64 -4.03
CA MET A 224 20.76 -0.06 -3.34
C MET A 224 20.43 0.61 -2.00
N PRO A 225 19.37 1.45 -1.93
CA PRO A 225 19.15 2.14 -0.65
C PRO A 225 18.59 1.26 0.46
N LEU A 226 18.18 0.04 0.13
CA LEU A 226 17.59 -0.85 1.13
C LEU A 226 18.65 -1.45 2.05
N ARG A 227 19.19 -0.63 2.94
CA ARG A 227 20.29 -1.04 3.81
C ARG A 227 19.82 -1.93 4.96
N SER A 228 18.56 -1.81 5.33
CA SER A 228 18.04 -2.53 6.50
C SER A 228 17.16 -3.71 6.11
N LEU A 229 17.10 -4.01 4.81
CA LEU A 229 16.24 -5.08 4.31
C LEU A 229 16.70 -6.45 4.82
N GLN A 230 15.78 -7.16 5.48
CA GLN A 230 16.08 -8.50 5.99
C GLN A 230 15.17 -9.54 5.34
N TYR A 231 14.02 -9.09 4.85
CA TYR A 231 13.05 -9.99 4.25
C TYR A 231 12.58 -9.49 2.89
N LEU A 232 12.78 -10.30 1.86
CA LEU A 232 12.42 -9.91 0.49
C LEU A 232 11.75 -11.07 -0.23
N ARG A 233 10.65 -10.78 -0.93
CA ARG A 233 9.92 -11.83 -1.65
C ARG A 233 9.62 -11.41 -3.08
N LEU A 234 10.25 -12.10 -4.03
CA LEU A 234 10.05 -11.84 -5.45
C LEU A 234 9.43 -13.05 -6.14
N ASN A 235 8.63 -13.80 -5.40
CA ASN A 235 7.97 -14.99 -5.92
C ASN A 235 6.96 -14.64 -7.01
N ASP A 236 6.63 -15.62 -7.86
CA ASP A 236 5.59 -15.47 -8.87
C ASP A 236 5.75 -14.20 -9.73
N ASN A 237 6.87 -14.11 -10.42
CA ASN A 237 7.12 -12.99 -11.33
C ASN A 237 7.80 -13.45 -12.61
N PRO A 238 7.36 -12.91 -13.76
CA PRO A 238 7.90 -13.30 -15.06
C PRO A 238 9.34 -12.84 -15.26
N TRP A 239 10.24 -13.29 -14.40
CA TRP A 239 11.65 -12.89 -14.47
C TRP A 239 12.31 -13.39 -15.74
N VAL A 240 13.11 -12.51 -16.36
CA VAL A 240 13.91 -12.89 -17.53
C VAL A 240 15.37 -13.04 -17.14
N CYS A 241 15.88 -14.25 -17.24
CA CYS A 241 17.24 -14.54 -16.79
C CYS A 241 18.27 -14.44 -17.91
N ASP A 242 18.88 -13.26 -18.03
CA ASP A 242 19.99 -13.07 -18.96
C ASP A 242 20.91 -11.96 -18.44
N CYS A 243 21.47 -11.18 -19.36
CA CYS A 243 22.40 -10.12 -18.99
C CYS A 243 21.71 -9.00 -18.23
N ARG A 244 20.41 -8.84 -18.44
CA ARG A 244 19.65 -7.77 -17.78
C ARG A 244 19.38 -8.10 -16.33
N ALA A 245 19.53 -9.38 -15.98
CA ALA A 245 19.30 -9.83 -14.60
C ALA A 245 20.59 -9.84 -13.81
N ARG A 246 21.68 -9.47 -14.46
CA ARG A 246 23.01 -9.45 -13.83
C ARG A 246 23.09 -8.51 -12.62
N PRO A 247 22.57 -7.27 -12.72
CA PRO A 247 22.64 -6.40 -11.54
C PRO A 247 21.83 -6.92 -10.36
N LEU A 248 20.76 -7.68 -10.63
CA LEU A 248 19.96 -8.26 -9.57
C LEU A 248 20.66 -9.47 -8.96
N TRP A 249 21.33 -10.25 -9.81
CA TRP A 249 22.03 -11.45 -9.37
C TRP A 249 23.16 -11.12 -8.40
N ALA A 250 23.92 -10.08 -8.71
CA ALA A 250 25.02 -9.63 -7.85
C ALA A 250 24.49 -9.14 -6.52
N TRP A 251 23.28 -8.57 -6.54
CA TRP A 251 22.65 -8.08 -5.33
C TRP A 251 22.17 -9.25 -4.47
N LEU A 252 21.55 -10.23 -5.11
CA LEU A 252 21.05 -11.42 -4.41
C LEU A 252 22.19 -12.23 -3.82
N GLN A 253 23.36 -12.16 -4.46
CA GLN A 253 24.55 -12.84 -3.97
C GLN A 253 25.12 -12.16 -2.73
N LYS A 254 25.13 -10.84 -2.75
CA LYS A 254 25.69 -10.06 -1.66
C LYS A 254 24.61 -9.64 -0.66
N PHE A 255 23.65 -10.53 -0.43
CA PHE A 255 22.54 -10.25 0.47
C PHE A 255 22.44 -11.29 1.58
N ARG A 256 22.53 -10.83 2.83
CA ARG A 256 22.56 -11.73 3.98
C ARG A 256 21.16 -12.15 4.44
N GLY A 257 20.20 -11.23 4.34
CA GLY A 257 18.84 -11.50 4.78
C GLY A 257 18.17 -12.61 4.00
N SER A 258 17.01 -13.06 4.49
CA SER A 258 16.28 -14.13 3.84
C SER A 258 15.45 -13.60 2.66
N SER A 259 15.51 -14.31 1.55
CA SER A 259 14.74 -13.94 0.37
C SER A 259 14.14 -15.18 -0.30
N SER A 260 12.91 -15.04 -0.79
CA SER A 260 12.23 -16.16 -1.44
C SER A 260 12.89 -16.51 -2.76
N GLU A 261 12.35 -17.52 -3.43
CA GLU A 261 12.87 -17.95 -4.73
C GLU A 261 12.65 -16.87 -5.79
N VAL A 262 13.55 -16.81 -6.76
CA VAL A 262 13.41 -15.91 -7.88
C VAL A 262 13.36 -16.72 -9.18
N PRO A 263 12.18 -17.30 -9.47
CA PRO A 263 12.03 -18.23 -10.60
C PRO A 263 12.14 -17.54 -11.96
N CYS A 264 12.91 -18.13 -12.86
CA CYS A 264 13.06 -17.60 -14.21
C CYS A 264 11.84 -17.96 -15.06
N ASN A 265 11.52 -17.10 -16.01
CA ASN A 265 10.45 -17.36 -16.95
C ASN A 265 11.01 -17.52 -18.37
N LEU A 266 12.05 -16.75 -18.65
CA LEU A 266 12.74 -16.82 -19.93
C LEU A 266 14.25 -16.66 -19.74
N PRO A 267 15.06 -17.34 -20.56
CA PRO A 267 14.62 -18.26 -21.61
C PRO A 267 14.19 -19.62 -21.07
N GLN A 268 13.62 -20.44 -21.93
CA GLN A 268 13.11 -21.75 -21.55
C GLN A 268 14.24 -22.68 -21.08
N ARG A 269 15.46 -22.37 -21.49
CA ARG A 269 16.63 -23.16 -21.12
C ARG A 269 16.87 -23.12 -19.61
N LEU A 270 16.72 -21.92 -19.03
CA LEU A 270 16.95 -21.72 -17.61
C LEU A 270 15.63 -21.57 -16.85
N ALA A 271 14.54 -21.99 -17.48
CA ALA A 271 13.21 -21.83 -16.92
C ALA A 271 13.07 -22.48 -15.55
N ASP A 272 12.27 -21.84 -14.69
CA ASP A 272 11.93 -22.35 -13.36
C ASP A 272 13.09 -22.38 -12.37
N ARG A 273 14.30 -22.14 -12.84
CA ARG A 273 15.46 -22.10 -11.96
C ARG A 273 15.49 -20.79 -11.19
N ASP A 274 16.15 -20.80 -10.03
CA ASP A 274 16.28 -19.60 -9.21
C ASP A 274 17.48 -18.77 -9.67
N LEU A 275 17.24 -17.48 -9.91
CA LEU A 275 18.30 -16.57 -10.31
C LEU A 275 19.42 -16.52 -9.27
N LYS A 276 19.04 -16.77 -8.02
CA LYS A 276 19.99 -16.79 -6.91
C LYS A 276 21.08 -17.83 -7.12
N ARG A 277 20.68 -19.02 -7.57
CA ARG A 277 21.60 -20.15 -7.68
C ARG A 277 22.33 -20.18 -9.02
N LEU A 278 21.90 -19.34 -9.96
CA LEU A 278 22.53 -19.28 -11.27
C LEU A 278 23.94 -18.68 -11.20
N ALA A 279 24.80 -19.08 -12.12
CA ALA A 279 26.17 -18.59 -12.15
C ALA A 279 26.32 -17.42 -13.11
N ALA A 280 27.49 -16.80 -13.10
CA ALA A 280 27.76 -15.63 -13.93
C ALA A 280 27.78 -15.97 -15.42
N SER A 281 28.07 -17.23 -15.74
CA SER A 281 28.15 -17.68 -17.12
C SER A 281 26.77 -17.81 -17.76
N ASP A 282 25.77 -18.15 -16.95
CA ASP A 282 24.41 -18.33 -17.44
C ASP A 282 23.79 -16.99 -17.83
N LEU A 283 24.33 -15.91 -17.28
CA LEU A 283 23.79 -14.57 -17.50
C LEU A 283 24.48 -13.85 -18.64
N GLU A 284 24.47 -14.47 -19.81
CA GLU A 284 25.02 -13.87 -21.02
C GLU A 284 24.04 -14.01 -22.18
N GLY A 285 24.36 -13.40 -23.31
CA GLY A 285 23.48 -13.41 -24.45
C GLY A 285 22.18 -12.70 -24.13
N CYS A 286 21.07 -13.24 -24.60
CA CYS A 286 19.76 -12.64 -24.35
C CYS A 286 18.63 -13.63 -24.57
N ALA A 287 17.44 -13.26 -24.11
CA ALA A 287 16.24 -14.05 -24.33
C ALA A 287 15.25 -13.26 -25.18
N VAL A 288 14.21 -13.94 -25.66
CA VAL A 288 13.25 -13.32 -26.56
C VAL A 288 12.35 -12.31 -25.84
N ALA A 289 12.34 -11.09 -26.34
CA ALA A 289 11.42 -10.06 -25.87
C ALA A 289 10.70 -9.44 -27.07
N SER A 290 9.62 -8.72 -26.81
CA SER A 290 8.78 -8.14 -27.85
C SER A 290 8.31 -9.20 -28.84
N GLY A 291 8.68 -9.05 -30.10
CA GLY A 291 8.31 -9.99 -31.13
C GLY A 291 9.13 -11.27 -31.08
N PRO A 292 8.45 -12.41 -30.90
CA PRO A 292 9.09 -13.74 -30.79
C PRO A 292 9.89 -14.11 -32.04
N PHE A 293 10.97 -14.86 -31.83
CA PHE A 293 11.81 -15.33 -32.93
C PHE A 293 12.25 -16.77 -32.70
N SER A 299 19.58 -15.07 -33.57
CA SER A 299 20.48 -13.95 -33.85
C SER A 299 20.28 -13.42 -35.26
N GLN A 300 19.04 -13.47 -35.74
CA GLN A 300 18.73 -12.99 -37.07
C GLN A 300 18.09 -11.60 -37.02
N LEU A 301 18.10 -11.00 -35.84
CA LEU A 301 17.56 -9.66 -35.66
C LEU A 301 18.49 -8.60 -36.24
N THR A 302 17.92 -7.59 -36.88
CA THR A 302 18.71 -6.50 -37.44
C THR A 302 19.21 -5.59 -36.32
N ASP A 303 20.17 -4.73 -36.65
CA ASP A 303 20.71 -3.79 -35.67
C ASP A 303 19.63 -2.83 -35.18
N GLU A 304 18.67 -2.52 -36.04
CA GLU A 304 17.57 -1.65 -35.68
C GLU A 304 16.60 -2.35 -34.75
N GLU A 305 16.38 -3.64 -35.00
CA GLU A 305 15.43 -4.43 -34.21
C GLU A 305 15.92 -4.64 -32.78
N LEU A 306 17.24 -4.77 -32.60
CA LEU A 306 17.81 -5.00 -31.28
C LEU A 306 17.91 -3.69 -30.48
N LEU A 307 17.55 -2.58 -31.11
CA LEU A 307 17.47 -1.30 -30.42
C LEU A 307 16.32 -1.30 -29.42
N SER A 308 15.34 -2.15 -29.67
CA SER A 308 14.19 -2.30 -28.77
C SER A 308 14.45 -3.38 -27.72
N LEU A 309 15.73 -3.69 -27.53
CA LEU A 309 16.16 -4.65 -26.52
C LEU A 309 17.10 -3.96 -25.53
N PRO A 310 17.30 -4.55 -24.34
CA PRO A 310 18.21 -3.99 -23.33
C PRO A 310 19.60 -3.64 -23.87
N LYS A 311 20.28 -2.71 -23.20
CA LYS A 311 21.59 -2.24 -23.63
C LYS A 311 22.63 -3.35 -23.62
N CYS A 312 22.60 -4.19 -22.58
CA CYS A 312 23.49 -5.32 -22.49
C CYS A 312 23.17 -6.35 -23.58
N CYS A 313 21.88 -6.46 -23.90
CA CYS A 313 21.42 -7.40 -24.91
C CYS A 313 21.99 -7.05 -26.28
N GLN A 314 22.27 -5.77 -26.49
CA GLN A 314 22.91 -5.31 -27.72
C GLN A 314 24.42 -5.47 -27.62
N ALA A 315 24.88 -6.73 -27.57
CA ALA A 315 26.30 -7.00 -27.42
C ALA A 315 26.87 -7.72 -28.64
N ALA A 316 27.97 -7.20 -29.18
CA ALA A 316 28.63 -7.81 -30.33
C ALA A 316 30.12 -8.01 -30.05
C1 NAG B . -12.76 16.09 27.10
C2 NAG B . -14.06 16.40 27.84
C3 NAG B . -13.92 17.72 28.62
C4 NAG B . -12.66 17.70 29.48
C5 NAG B . -11.43 17.33 28.63
C6 NAG B . -10.18 17.15 29.46
C7 NAG B . -15.36 17.35 25.97
C8 NAG B . -16.61 17.21 25.14
N2 NAG B . -15.20 16.45 26.95
O3 NAG B . -15.07 17.90 29.45
O4 NAG B . -12.44 18.98 30.08
O5 NAG B . -11.67 16.07 28.00
O6 NAG B . -10.23 15.95 30.21
O7 NAG B . -14.54 18.22 25.74
C1 NAG B . -12.61 18.72 31.48
C2 NAG B . -12.17 19.87 32.37
C3 NAG B . -12.31 19.48 33.85
C4 NAG B . -13.70 18.91 34.13
C5 NAG B . -14.08 17.84 33.11
C6 NAG B . -15.51 17.38 33.22
C7 NAG B . -9.73 19.53 32.16
C8 NAG B . -8.44 20.18 31.79
N2 NAG B . -10.82 20.31 32.08
O3 NAG B . -12.07 20.63 34.66
O4 NAG B . -13.77 18.36 35.44
O5 NAG B . -13.93 18.37 31.78
O6 NAG B . -16.33 18.02 32.26
O7 NAG B . -9.80 18.36 32.52
C1 BMA B . -14.91 19.00 36.07
C2 BMA B . -15.52 18.26 37.28
C3 BMA B . -16.68 19.10 37.89
C4 BMA B . -16.49 20.67 37.77
C5 BMA B . -15.83 21.07 36.45
C6 BMA B . -15.46 22.57 36.32
O2 BMA B . -14.55 18.03 38.31
O3 BMA B . -16.88 18.75 39.26
O4 BMA B . -17.73 21.31 37.84
O5 BMA B . -14.64 20.32 36.35
O6 BMA B . -14.37 22.64 35.39
C1 MAN B . -18.19 18.23 39.61
C2 MAN B . -18.25 16.67 39.40
C3 MAN B . -19.22 16.27 38.30
C4 MAN B . -20.52 17.01 38.46
C5 MAN B . -20.26 18.50 38.21
C6 MAN B . -21.53 19.31 38.29
O2 MAN B . -18.70 16.01 40.59
O3 MAN B . -19.47 14.85 38.31
O4 MAN B . -21.47 16.54 37.53
O5 MAN B . -19.34 19.03 39.21
O6 MAN B . -21.18 20.67 38.55
C1 NAG C . 5.97 11.80 14.25
C2 NAG C . 7.06 12.68 13.59
C3 NAG C . 7.54 13.73 14.59
C4 NAG C . 6.39 14.51 15.18
C5 NAG C . 5.33 13.55 15.75
C6 NAG C . 4.08 14.25 16.22
C7 NAG C . 8.71 12.02 11.92
C8 NAG C . 9.85 11.09 11.59
N2 NAG C . 8.16 11.86 13.12
O3 NAG C . 8.44 14.62 13.91
O4 NAG C . 6.86 15.33 16.24
O5 NAG C . 4.92 12.63 14.73
O6 NAG C . 3.06 13.32 16.56
O7 NAG C . 8.31 12.86 11.12
C1 NAG C . 6.74 16.72 15.86
C2 NAG C . 6.34 17.54 17.07
C3 NAG C . 6.16 19.01 16.67
C4 NAG C . 7.40 19.52 15.96
C5 NAG C . 7.81 18.58 14.82
C6 NAG C . 9.14 18.97 14.20
C7 NAG C . 5.10 16.30 18.79
C8 NAG C . 6.43 16.03 19.42
N2 NAG C . 5.12 17.03 17.67
O3 NAG C . 5.90 19.78 17.84
O4 NAG C . 7.15 20.82 15.41
O5 NAG C . 7.95 17.24 15.32
O6 NAG C . 8.97 19.37 12.85
O7 NAG C . 4.05 15.87 19.27
C1 BMA C . 7.68 21.84 16.26
C2 BMA C . 8.09 23.06 15.41
C3 BMA C . 8.47 24.24 16.32
C4 BMA C . 7.43 24.46 17.42
C5 BMA C . 7.24 23.16 18.20
C6 BMA C . 6.23 23.27 19.32
O2 BMA C . 6.99 23.49 14.60
O3 BMA C . 8.66 25.44 15.57
O4 BMA C . 7.87 25.48 18.31
O5 BMA C . 6.75 22.17 17.29
O6 BMA C . 6.92 23.73 20.47
C1 MAN C . 7.46 22.60 21.18
C2 MAN C . 6.31 21.81 21.82
C3 MAN C . 5.68 22.65 22.92
C4 MAN C . 6.76 23.15 23.91
C5 MAN C . 7.85 23.89 23.13
C6 MAN C . 9.00 24.37 24.00
O2 MAN C . 6.79 20.62 22.45
O3 MAN C . 4.67 21.93 23.62
O4 MAN C . 6.18 24.02 24.86
O5 MAN C . 8.40 23.01 22.14
O6 MAN C . 8.47 25.38 24.84
C1 MAN C . 3.49 21.89 22.78
C2 MAN C . 2.89 23.32 22.65
C3 MAN C . 2.06 23.67 23.88
C4 MAN C . 1.09 22.54 24.23
C5 MAN C . 1.86 21.24 24.43
C6 MAN C . 0.96 20.06 24.76
O2 MAN C . 1.99 23.39 21.54
O3 MAN C . 1.36 24.90 23.71
O4 MAN C . 0.37 22.87 25.41
O5 MAN C . 2.55 20.93 23.21
O6 MAN C . 1.79 18.98 25.18
C1 MAN C . 9.49 25.97 25.64
C2 MAN C . 9.92 24.96 26.72
C3 MAN C . 8.76 24.75 27.69
C4 MAN C . 8.24 26.09 28.22
C5 MAN C . 7.86 27.00 27.03
C6 MAN C . 7.39 28.37 27.43
O2 MAN C . 11.00 25.48 27.50
O3 MAN C . 9.15 23.92 28.78
O4 MAN C . 7.09 25.88 29.03
O5 MAN C . 9.03 27.16 26.20
O6 MAN C . 6.26 28.72 26.63
C1 NAG D . 2.57 -7.37 -17.95
C2 NAG D . 1.09 -7.28 -18.31
C3 NAG D . 0.89 -7.45 -19.81
C4 NAG D . 1.83 -6.56 -20.62
C5 NAG D . 3.27 -6.67 -20.09
C6 NAG D . 4.23 -5.65 -20.68
C7 NAG D . -0.49 -7.97 -16.56
C8 NAG D . -1.19 -9.13 -15.91
N2 NAG D . 0.33 -8.28 -17.57
O3 NAG D . -0.45 -7.17 -20.15
O4 NAG D . 1.75 -7.01 -21.98
O5 NAG D . 3.28 -6.42 -18.68
O6 NAG D . 5.57 -5.92 -20.32
O7 NAG D . -0.66 -6.82 -16.18
C1 NAG D . 2.00 -6.04 -23.01
C2 NAG D . 2.86 -6.71 -24.06
C3 NAG D . 3.29 -5.71 -25.12
C4 NAG D . 2.06 -5.03 -25.72
C5 NAG D . 1.19 -4.44 -24.60
C6 NAG D . -0.12 -3.88 -25.12
C7 NAG D . 4.03 -8.61 -23.03
C8 NAG D . 5.31 -9.10 -22.42
N2 NAG D . 4.02 -7.35 -23.46
O3 NAG D . 4.02 -6.38 -26.14
O4 NAG D . 2.45 -3.99 -26.60
O5 NAG D . 0.85 -5.45 -23.64
O6 NAG D . -0.78 -3.09 -24.13
O7 NAG D . 3.03 -9.32 -23.10
CL CL E . 18.29 -1.18 -20.52
CL CL F . -3.26 -1.12 14.19
#